data_1BMX
#
_entry.id   1BMX
#
_cell.length_a   1.000
_cell.length_b   1.000
_cell.length_c   1.000
_cell.angle_alpha   90.00
_cell.angle_beta   90.00
_cell.angle_gamma   90.00
#
_symmetry.space_group_name_H-M   'P 1'
#
_entity_poly.entity_id   1
_entity_poly.type   'polypeptide(L)'
_entity_poly.pdbx_seq_one_letter_code
;CSILDIRQGPKEPFRDYVDRFYKTLRAEQAS
;
_entity_poly.pdbx_strand_id   A
#
# COMPACT_ATOMS: atom_id res chain seq x y z
N CYS A 1 -26.30 -9.58 6.92
CA CYS A 1 -25.50 -8.98 5.83
C CYS A 1 -26.12 -9.35 4.43
N SER A 2 -26.85 -8.41 3.80
CA SER A 2 -27.64 -8.68 2.56
C SER A 2 -27.70 -7.40 1.68
N ILE A 3 -28.56 -6.42 2.00
CA ILE A 3 -28.44 -5.02 1.46
C ILE A 3 -27.24 -4.23 2.13
N LEU A 4 -27.04 -4.35 3.46
CA LEU A 4 -25.76 -3.99 4.13
C LEU A 4 -24.67 -5.10 3.92
N ASP A 5 -24.13 -5.13 2.69
CA ASP A 5 -23.09 -6.12 2.28
C ASP A 5 -22.00 -5.43 1.40
N ILE A 6 -22.35 -4.93 0.19
CA ILE A 6 -21.35 -4.40 -0.79
C ILE A 6 -21.13 -2.88 -0.48
N ARG A 7 -20.29 -2.69 0.55
CA ARG A 7 -20.01 -1.36 1.13
C ARG A 7 -18.90 -0.55 0.36
N GLN A 8 -17.88 -1.21 -0.23
CA GLN A 8 -16.80 -0.58 -1.05
C GLN A 8 -15.91 0.42 -0.22
N GLY A 9 -14.85 -0.11 0.43
CA GLY A 9 -13.87 0.72 1.17
C GLY A 9 -12.64 -0.08 1.66
N PRO A 10 -11.56 -0.33 0.85
CA PRO A 10 -10.41 -1.19 1.26
C PRO A 10 -9.48 -0.58 2.37
N LYS A 11 -8.91 -1.46 3.20
CA LYS A 11 -8.22 -1.04 4.47
C LYS A 11 -6.85 -1.78 4.61
N GLU A 12 -6.81 -3.10 4.91
CA GLU A 12 -5.54 -3.88 4.98
C GLU A 12 -4.74 -3.98 3.62
N PRO A 13 -5.25 -4.29 2.38
CA PRO A 13 -4.52 -3.96 1.11
C PRO A 13 -3.94 -2.53 0.95
N PHE A 14 -4.73 -1.54 1.39
CA PHE A 14 -4.55 -0.11 1.05
C PHE A 14 -3.69 0.71 2.06
N ARG A 15 -3.64 0.33 3.35
CA ARG A 15 -2.73 0.90 4.35
C ARG A 15 -1.49 0.01 4.73
N ASP A 16 -1.37 -1.24 4.26
CA ASP A 16 -0.07 -1.87 3.93
C ASP A 16 0.47 -1.55 2.47
N TYR A 17 -0.32 -0.91 1.60
CA TYR A 17 0.16 -0.20 0.39
C TYR A 17 0.72 1.20 0.80
N VAL A 18 -0.06 2.07 1.46
CA VAL A 18 0.43 3.43 1.90
C VAL A 18 1.80 3.52 2.62
N ASP A 19 2.08 2.59 3.53
CA ASP A 19 3.21 2.74 4.47
C ASP A 19 4.61 2.50 3.76
N ARG A 20 4.56 1.44 2.96
CA ARG A 20 5.41 1.10 1.82
C ARG A 20 5.52 2.14 0.67
N PHE A 21 4.40 2.71 0.20
CA PHE A 21 4.39 3.94 -0.63
C PHE A 21 5.08 5.18 0.05
N TYR A 22 4.85 5.40 1.36
CA TYR A 22 5.48 6.50 2.12
C TYR A 22 7.00 6.31 2.44
N LYS A 23 7.52 5.11 2.72
CA LYS A 23 8.98 4.86 2.66
C LYS A 23 9.56 4.65 1.21
N THR A 24 8.76 4.32 0.19
CA THR A 24 9.19 4.50 -1.24
C THR A 24 9.39 6.02 -1.62
N LEU A 25 8.43 6.91 -1.33
CA LEU A 25 8.63 8.38 -1.35
C LEU A 25 9.68 8.92 -0.31
N ARG A 26 9.80 8.36 0.92
CA ARG A 26 11.01 8.54 1.76
C ARG A 26 12.19 7.54 1.44
N ALA A 27 12.27 7.15 0.17
CA ALA A 27 13.52 7.01 -0.60
C ALA A 27 13.62 7.92 -1.87
N GLU A 28 12.52 8.40 -2.50
CA GLU A 28 12.56 9.54 -3.46
C GLU A 28 13.11 10.86 -2.83
N GLN A 29 12.67 11.22 -1.60
CA GLN A 29 13.26 12.31 -0.81
C GLN A 29 14.69 11.97 -0.24
N ALA A 30 14.87 10.83 0.48
CA ALA A 30 16.16 10.44 1.08
C ALA A 30 16.11 8.96 1.58
N SER A 31 16.92 8.07 0.99
CA SER A 31 16.87 6.60 1.26
C SER A 31 17.42 6.20 2.66
N CYS A 1 -10.21 13.78 -11.33
CA CYS A 1 -10.93 12.51 -11.10
C CYS A 1 -11.85 12.58 -9.82
N SER A 2 -13.08 12.06 -9.91
CA SER A 2 -14.04 12.08 -8.75
C SER A 2 -15.12 10.97 -8.92
N ILE A 3 -16.02 11.06 -9.92
CA ILE A 3 -17.17 10.09 -10.09
C ILE A 3 -16.73 8.61 -10.47
N LEU A 4 -15.69 8.42 -11.30
CA LEU A 4 -15.04 7.08 -11.49
C LEU A 4 -13.76 6.85 -10.60
N ASP A 5 -13.79 7.28 -9.32
CA ASP A 5 -12.60 7.30 -8.42
C ASP A 5 -13.04 7.19 -6.92
N ILE A 6 -13.73 8.21 -6.37
CA ILE A 6 -14.15 8.25 -4.93
C ILE A 6 -15.53 7.48 -4.84
N ARG A 7 -15.34 6.17 -4.78
CA ARG A 7 -16.36 5.15 -5.09
C ARG A 7 -15.88 3.70 -4.69
N GLN A 8 -14.55 3.39 -4.75
CA GLN A 8 -14.01 2.04 -4.63
C GLN A 8 -12.83 2.04 -3.60
N GLY A 9 -13.12 1.64 -2.34
CA GLY A 9 -12.14 1.73 -1.22
C GLY A 9 -11.79 0.36 -0.58
N PRO A 10 -10.66 -0.35 -0.94
CA PRO A 10 -10.31 -1.68 -0.36
C PRO A 10 -10.20 -1.77 1.20
N LYS A 11 -10.31 -2.99 1.75
CA LYS A 11 -10.38 -3.23 3.22
C LYS A 11 -9.29 -4.27 3.61
N GLU A 12 -8.20 -3.78 4.24
CA GLU A 12 -6.95 -4.54 4.64
C GLU A 12 -5.76 -4.21 3.66
N PRO A 13 -5.75 -4.34 2.29
CA PRO A 13 -4.55 -3.98 1.45
C PRO A 13 -4.03 -2.52 1.54
N PHE A 14 -4.92 -1.52 1.44
CA PHE A 14 -4.53 -0.13 1.07
C PHE A 14 -3.72 0.69 2.13
N ARG A 15 -3.64 0.28 3.41
CA ARG A 15 -2.70 0.83 4.42
C ARG A 15 -1.41 -0.02 4.71
N ASP A 16 -1.28 -1.27 4.25
CA ASP A 16 0.05 -1.87 3.92
C ASP A 16 0.60 -1.55 2.48
N TYR A 17 -0.20 -0.91 1.62
CA TYR A 17 0.28 -0.22 0.41
C TYR A 17 0.76 1.21 0.80
N VAL A 18 -0.05 2.06 1.47
CA VAL A 18 0.38 3.45 1.85
C VAL A 18 1.73 3.61 2.59
N ASP A 19 2.01 2.76 3.57
CA ASP A 19 3.18 2.97 4.46
C ASP A 19 4.55 2.61 3.75
N ARG A 20 4.45 1.57 2.93
CA ARG A 20 5.34 1.16 1.85
C ARG A 20 5.47 2.13 0.63
N PHE A 21 4.37 2.74 0.16
CA PHE A 21 4.37 3.97 -0.68
C PHE A 21 5.07 5.20 0.00
N TYR A 22 4.83 5.44 1.30
CA TYR A 22 5.50 6.51 2.09
C TYR A 22 7.01 6.27 2.41
N LYS A 23 7.49 5.04 2.64
CA LYS A 23 8.93 4.70 2.58
C LYS A 23 9.50 4.50 1.14
N THR A 24 8.71 4.23 0.10
CA THR A 24 9.12 4.48 -1.32
C THR A 24 9.36 6.01 -1.60
N LEU A 25 8.41 6.90 -1.28
CA LEU A 25 8.62 8.35 -1.26
C LEU A 25 9.68 8.85 -0.24
N ARG A 26 9.83 8.33 0.99
CA ARG A 26 11.05 8.57 1.81
C ARG A 26 12.17 7.49 1.65
N ALA A 27 12.30 6.99 0.41
CA ALA A 27 13.57 6.83 -0.31
C ALA A 27 13.77 7.81 -1.51
N GLU A 28 12.74 8.32 -2.22
CA GLU A 28 12.88 9.48 -3.16
C GLU A 28 13.32 10.79 -2.42
N GLN A 29 12.70 11.13 -1.27
CA GLN A 29 13.15 12.20 -0.36
C GLN A 29 14.44 11.85 0.46
N ALA A 30 14.68 10.60 0.91
CA ALA A 30 15.81 10.26 1.79
C ALA A 30 16.51 8.89 1.45
N SER A 31 17.20 8.82 0.29
CA SER A 31 18.05 7.67 -0.17
C SER A 31 17.33 6.29 -0.31
N CYS A 1 2.61 -18.20 -12.97
CA CYS A 1 1.59 -17.19 -12.59
C CYS A 1 0.33 -17.88 -12.01
N SER A 2 0.00 -17.62 -10.73
CA SER A 2 -1.15 -18.27 -10.04
C SER A 2 -1.88 -17.28 -9.07
N ILE A 3 -3.16 -17.55 -8.78
CA ILE A 3 -4.00 -16.69 -7.88
C ILE A 3 -3.48 -16.64 -6.38
N LEU A 4 -3.05 -17.76 -5.78
CA LEU A 4 -2.34 -17.76 -4.45
C LEU A 4 -0.85 -17.28 -4.42
N ASP A 5 -0.31 -16.85 -5.56
CA ASP A 5 0.97 -16.10 -5.66
C ASP A 5 0.67 -14.58 -5.84
N ILE A 6 0.07 -14.16 -6.96
CA ILE A 6 -0.37 -12.76 -7.19
C ILE A 6 -1.87 -12.66 -6.70
N ARG A 7 -1.98 -12.49 -5.39
CA ARG A 7 -3.25 -12.37 -4.65
C ARG A 7 -3.72 -10.90 -4.33
N GLN A 8 -2.84 -9.86 -4.45
CA GLN A 8 -3.08 -8.52 -3.88
C GLN A 8 -4.07 -7.64 -4.75
N GLY A 9 -5.36 -7.72 -4.44
CA GLY A 9 -6.40 -6.85 -5.06
C GLY A 9 -6.78 -5.65 -4.14
N PRO A 10 -6.35 -4.37 -4.37
CA PRO A 10 -6.53 -3.28 -3.37
C PRO A 10 -8.00 -2.76 -3.25
N LYS A 11 -8.43 -2.76 -1.98
CA LYS A 11 -9.80 -2.41 -1.52
C LYS A 11 -9.87 -2.39 0.05
N GLU A 12 -9.29 -3.39 0.75
CA GLU A 12 -9.27 -3.48 2.23
C GLU A 12 -7.81 -3.51 2.80
N PRO A 13 -6.75 -4.24 2.31
CA PRO A 13 -5.36 -4.16 2.87
C PRO A 13 -4.57 -2.81 2.81
N PHE A 14 -5.03 -1.81 2.05
CA PHE A 14 -4.13 -0.77 1.44
C PHE A 14 -3.64 0.40 2.38
N ARG A 15 -3.57 0.18 3.70
CA ARG A 15 -2.58 0.81 4.61
C ARG A 15 -1.26 -0.03 4.82
N ASP A 16 -1.12 -1.27 4.32
CA ASP A 16 0.18 -1.87 3.91
C ASP A 16 0.64 -1.55 2.44
N TYR A 17 -0.21 -0.89 1.62
CA TYR A 17 0.22 -0.14 0.41
C TYR A 17 0.70 1.28 0.83
N VAL A 18 -0.08 2.07 1.60
CA VAL A 18 0.32 3.47 1.98
C VAL A 18 1.71 3.63 2.62
N ASP A 19 2.03 2.79 3.62
CA ASP A 19 3.25 2.96 4.42
C ASP A 19 4.56 2.51 3.63
N ARG A 20 4.35 1.57 2.71
CA ARG A 20 5.22 1.12 1.63
C ARG A 20 5.42 2.13 0.45
N PHE A 21 4.34 2.74 -0.07
CA PHE A 21 4.37 3.96 -0.91
C PHE A 21 5.07 5.20 -0.25
N TYR A 22 4.74 5.49 1.02
CA TYR A 22 5.35 6.59 1.80
C TYR A 22 6.81 6.33 2.30
N LYS A 23 7.23 5.09 2.62
CA LYS A 23 8.65 4.72 2.72
C LYS A 23 9.42 4.57 1.36
N THR A 24 8.74 4.24 0.25
CA THR A 24 9.28 4.45 -1.13
C THR A 24 9.49 5.98 -1.49
N LEU A 25 8.51 6.86 -1.25
CA LEU A 25 8.75 8.33 -1.19
C LEU A 25 9.81 8.77 -0.16
N ARG A 26 9.90 8.23 1.08
CA ARG A 26 11.07 8.47 1.96
C ARG A 26 12.31 7.55 1.69
N ALA A 27 12.40 6.99 0.49
CA ALA A 27 13.66 6.78 -0.26
C ALA A 27 13.87 7.72 -1.50
N GLU A 28 12.83 8.26 -2.19
CA GLU A 28 13.00 9.39 -3.15
C GLU A 28 13.48 10.71 -2.43
N GLN A 29 12.84 11.08 -1.30
CA GLN A 29 13.38 12.07 -0.34
C GLN A 29 14.69 11.64 0.43
N ALA A 30 14.82 10.34 0.80
CA ALA A 30 15.87 9.78 1.70
C ALA A 30 15.63 10.20 3.20
N SER A 31 14.75 9.44 3.88
CA SER A 31 14.36 9.71 5.29
C SER A 31 13.96 8.38 6.01
N CYS A 1 -7.68 -16.71 -13.06
CA CYS A 1 -6.55 -16.89 -14.01
C CYS A 1 -5.23 -16.23 -13.46
N SER A 2 -4.11 -16.32 -14.20
CA SER A 2 -2.82 -15.67 -13.81
C SER A 2 -2.55 -14.37 -14.63
N ILE A 3 -2.34 -14.48 -15.96
CA ILE A 3 -1.90 -13.32 -16.82
C ILE A 3 -3.08 -12.32 -17.12
N LEU A 4 -4.21 -12.76 -17.71
CA LEU A 4 -5.41 -11.90 -17.92
C LEU A 4 -6.33 -11.93 -16.65
N ASP A 5 -5.86 -11.26 -15.58
CA ASP A 5 -6.51 -11.32 -14.24
C ASP A 5 -6.24 -10.07 -13.33
N ILE A 6 -5.02 -9.52 -13.30
CA ILE A 6 -4.55 -8.61 -12.21
C ILE A 6 -4.86 -7.12 -12.64
N ARG A 7 -6.14 -6.80 -12.45
CA ARG A 7 -6.66 -5.43 -12.37
C ARG A 7 -7.45 -5.26 -11.02
N GLN A 8 -6.70 -5.19 -9.90
CA GLN A 8 -7.29 -5.24 -8.53
C GLN A 8 -8.07 -3.93 -8.12
N GLY A 9 -9.17 -4.11 -7.37
CA GLY A 9 -9.86 -3.01 -6.65
C GLY A 9 -9.76 -3.18 -5.10
N PRO A 10 -8.72 -2.70 -4.38
CA PRO A 10 -8.41 -3.20 -3.00
C PRO A 10 -9.30 -2.62 -1.84
N LYS A 11 -9.29 -3.34 -0.71
CA LYS A 11 -9.80 -2.81 0.60
C LYS A 11 -8.72 -3.08 1.70
N GLU A 12 -8.52 -4.33 2.16
CA GLU A 12 -7.50 -4.67 3.20
C GLU A 12 -5.99 -4.53 2.76
N PRO A 13 -5.46 -4.64 1.50
CA PRO A 13 -4.08 -4.15 1.16
C PRO A 13 -3.74 -2.66 1.43
N PHE A 14 -4.72 -1.74 1.36
CA PHE A 14 -4.49 -0.29 1.12
C PHE A 14 -3.73 0.53 2.21
N ARG A 15 -3.62 0.07 3.47
CA ARG A 15 -2.69 0.63 4.49
C ARG A 15 -1.38 -0.20 4.77
N ASP A 16 -1.18 -1.39 4.20
CA ASP A 16 0.17 -1.90 3.83
C ASP A 16 0.71 -1.44 2.43
N TYR A 17 -0.12 -0.84 1.57
CA TYR A 17 0.30 -0.07 0.40
C TYR A 17 0.74 1.35 0.86
N VAL A 18 -0.09 2.13 1.59
CA VAL A 18 0.30 3.51 2.05
C VAL A 18 1.67 3.67 2.73
N ASP A 19 1.98 2.80 3.70
CA ASP A 19 3.20 2.99 4.54
C ASP A 19 4.53 2.62 3.77
N ARG A 20 4.37 1.66 2.85
CA ARG A 20 5.29 1.21 1.81
C ARG A 20 5.44 2.17 0.58
N PHE A 21 4.35 2.78 0.09
CA PHE A 21 4.37 3.98 -0.78
C PHE A 21 5.04 5.23 -0.13
N TYR A 22 4.72 5.53 1.14
CA TYR A 22 5.40 6.59 1.92
C TYR A 22 6.89 6.30 2.26
N LYS A 23 7.32 5.09 2.61
CA LYS A 23 8.76 4.72 2.64
C LYS A 23 9.41 4.52 1.24
N THR A 24 8.68 4.21 0.16
CA THR A 24 9.18 4.41 -1.23
C THR A 24 9.44 5.91 -1.54
N LEU A 25 8.51 6.84 -1.31
CA LEU A 25 8.78 8.30 -1.32
C LEU A 25 9.89 8.73 -0.30
N ARG A 26 9.89 8.29 0.98
CA ARG A 26 11.06 8.50 1.88
C ARG A 26 12.22 7.43 1.73
N ALA A 27 12.41 6.97 0.50
CA ALA A 27 13.66 6.40 -0.06
C ALA A 27 14.02 6.98 -1.46
N GLU A 28 13.06 7.35 -2.36
CA GLU A 28 13.28 8.26 -3.51
C GLU A 28 13.85 9.66 -3.09
N GLN A 29 13.31 10.28 -2.01
CA GLN A 29 13.96 11.43 -1.33
C GLN A 29 15.32 11.03 -0.64
N ALA A 30 15.35 9.97 0.21
CA ALA A 30 16.57 9.51 0.88
C ALA A 30 17.39 8.48 0.03
N SER A 31 17.98 8.95 -1.08
CA SER A 31 18.80 8.11 -2.01
C SER A 31 20.22 8.71 -2.11
N CYS A 1 13.28 -22.76 -0.57
CA CYS A 1 12.01 -22.00 -0.70
C CYS A 1 11.63 -21.80 -2.19
N SER A 2 10.33 -21.88 -2.53
CA SER A 2 9.82 -21.57 -3.89
C SER A 2 9.57 -20.04 -4.14
N ILE A 3 9.19 -19.70 -5.38
CA ILE A 3 8.73 -18.32 -5.72
C ILE A 3 7.26 -18.01 -5.20
N LEU A 4 6.31 -18.97 -5.26
CA LEU A 4 4.98 -18.83 -4.59
C LEU A 4 5.06 -19.23 -3.06
N ASP A 5 5.80 -18.44 -2.29
CA ASP A 5 6.12 -18.73 -0.86
C ASP A 5 5.81 -17.46 -0.01
N ILE A 6 6.67 -16.42 -0.05
CA ILE A 6 6.49 -15.15 0.69
C ILE A 6 5.69 -14.17 -0.23
N ARG A 7 4.37 -14.34 -0.13
CA ARG A 7 3.38 -13.57 -0.93
C ARG A 7 2.87 -12.26 -0.19
N GLN A 8 3.77 -11.54 0.52
CA GLN A 8 3.41 -10.42 1.42
C GLN A 8 3.20 -9.09 0.63
N GLY A 9 1.95 -8.87 0.21
CA GLY A 9 1.51 -7.66 -0.52
C GLY A 9 0.00 -7.35 -0.38
N PRO A 10 -0.50 -6.10 -0.52
CA PRO A 10 -1.96 -5.78 -0.37
C PRO A 10 -2.87 -6.27 -1.54
N LYS A 11 -4.14 -6.56 -1.19
CA LYS A 11 -5.19 -6.93 -2.18
C LYS A 11 -6.53 -6.21 -1.79
N GLU A 12 -7.11 -6.51 -0.61
CA GLU A 12 -8.37 -5.86 -0.13
C GLU A 12 -8.20 -4.40 0.42
N PRO A 13 -7.23 -3.97 1.31
CA PRO A 13 -7.15 -2.59 1.84
C PRO A 13 -6.32 -1.63 0.91
N PHE A 14 -5.81 -0.59 1.55
CA PHE A 14 -4.68 0.23 1.03
C PHE A 14 -3.88 0.95 2.17
N ARG A 15 -3.36 0.15 3.12
CA ARG A 15 -2.64 0.64 4.32
C ARG A 15 -1.31 -0.14 4.67
N ASP A 16 -1.10 -1.39 4.24
CA ASP A 16 0.23 -1.86 3.78
C ASP A 16 0.62 -1.45 2.31
N TYR A 17 -0.28 -0.81 1.54
CA TYR A 17 0.09 0.03 0.38
C TYR A 17 0.66 1.38 0.90
N VAL A 18 -0.13 2.18 1.64
CA VAL A 18 0.29 3.55 2.08
C VAL A 18 1.67 3.69 2.75
N ASP A 19 1.97 2.80 3.68
CA ASP A 19 3.17 2.91 4.54
C ASP A 19 4.52 2.60 3.76
N ARG A 20 4.37 1.61 2.91
CA ARG A 20 5.26 1.13 1.85
C ARG A 20 5.42 2.09 0.63
N PHE A 21 4.33 2.70 0.15
CA PHE A 21 4.35 3.93 -0.68
C PHE A 21 5.07 5.14 -0.01
N TYR A 22 4.79 5.44 1.26
CA TYR A 22 5.44 6.55 2.01
C TYR A 22 6.94 6.33 2.39
N LYS A 23 7.39 5.11 2.70
CA LYS A 23 8.83 4.77 2.74
C LYS A 23 9.50 4.57 1.34
N THR A 24 8.77 4.18 0.28
CA THR A 24 9.22 4.37 -1.14
C THR A 24 9.39 5.88 -1.52
N LEU A 25 8.41 6.75 -1.25
CA LEU A 25 8.56 8.23 -1.29
C LEU A 25 9.71 8.76 -0.36
N ARG A 26 9.90 8.27 0.88
CA ARG A 26 11.13 8.58 1.68
C ARG A 26 12.40 7.70 1.37
N ALA A 27 12.40 7.01 0.23
CA ALA A 27 13.60 6.61 -0.54
C ALA A 27 13.82 7.42 -1.86
N GLU A 28 12.77 7.81 -2.62
CA GLU A 28 12.83 8.83 -3.69
C GLU A 28 13.31 10.24 -3.18
N GLN A 29 12.79 10.72 -2.04
CA GLN A 29 13.42 11.81 -1.25
C GLN A 29 14.78 11.44 -0.57
N ALA A 30 14.96 10.19 -0.05
CA ALA A 30 16.04 9.79 0.91
C ALA A 30 16.04 10.68 2.19
N SER A 31 15.08 10.45 3.11
CA SER A 31 14.90 11.30 4.32
C SER A 31 14.02 10.55 5.36
N CYS A 1 -14.52 -22.06 7.60
CA CYS A 1 -14.80 -20.94 8.54
C CYS A 1 -14.93 -19.57 7.79
N SER A 2 -15.02 -18.43 8.52
CA SER A 2 -15.22 -17.08 7.91
C SER A 2 -14.01 -16.13 8.17
N ILE A 3 -13.89 -15.55 9.39
CA ILE A 3 -12.92 -14.44 9.67
C ILE A 3 -11.42 -14.87 9.73
N LEU A 4 -11.07 -16.04 10.29
CA LEU A 4 -9.70 -16.65 10.10
C LEU A 4 -9.53 -17.62 8.87
N ASP A 5 -10.41 -17.49 7.87
CA ASP A 5 -10.41 -18.27 6.60
C ASP A 5 -10.13 -17.31 5.41
N ILE A 6 -11.03 -16.33 5.13
CA ILE A 6 -10.66 -15.07 4.40
C ILE A 6 -9.99 -14.12 5.44
N ARG A 7 -8.71 -14.40 5.68
CA ARG A 7 -7.93 -13.78 6.77
C ARG A 7 -7.16 -12.45 6.38
N GLN A 8 -7.49 -11.82 5.23
CA GLN A 8 -7.20 -10.39 4.91
C GLN A 8 -5.66 -10.07 4.82
N GLY A 9 -5.02 -10.52 3.72
CA GLY A 9 -3.59 -10.23 3.44
C GLY A 9 -3.42 -9.17 2.33
N PRO A 10 -3.27 -9.50 1.00
CA PRO A 10 -3.10 -8.46 -0.05
C PRO A 10 -4.42 -7.78 -0.53
N LYS A 11 -4.23 -6.61 -1.19
CA LYS A 11 -5.24 -5.85 -2.01
C LYS A 11 -6.48 -5.27 -1.23
N GLU A 12 -7.09 -5.98 -0.27
CA GLU A 12 -8.10 -5.41 0.67
C GLU A 12 -7.54 -4.31 1.66
N PRO A 13 -6.30 -4.26 2.25
CA PRO A 13 -5.87 -3.19 3.18
C PRO A 13 -5.86 -1.71 2.68
N PHE A 14 -5.18 -1.47 1.54
CA PHE A 14 -4.56 -0.18 1.14
C PHE A 14 -3.70 0.63 2.19
N ARG A 15 -3.49 0.14 3.42
CA ARG A 15 -2.63 0.79 4.44
C ARG A 15 -1.32 -0.02 4.82
N ASP A 16 -1.13 -1.27 4.37
CA ASP A 16 0.21 -1.80 4.00
C ASP A 16 0.71 -1.43 2.56
N TYR A 17 -0.15 -0.87 1.69
CA TYR A 17 0.28 -0.16 0.46
C TYR A 17 0.71 1.30 0.83
N VAL A 18 -0.11 2.11 1.54
CA VAL A 18 0.30 3.50 1.95
C VAL A 18 1.70 3.65 2.63
N ASP A 19 2.01 2.75 3.55
CA ASP A 19 3.20 2.89 4.41
C ASP A 19 4.55 2.56 3.65
N ARG A 20 4.39 1.57 2.78
CA ARG A 20 5.26 1.15 1.68
C ARG A 20 5.42 2.14 0.49
N PHE A 21 4.32 2.76 0.01
CA PHE A 21 4.34 3.97 -0.84
C PHE A 21 5.02 5.21 -0.16
N TYR A 22 4.72 5.48 1.12
CA TYR A 22 5.38 6.56 1.89
C TYR A 22 6.86 6.27 2.31
N LYS A 23 7.29 5.04 2.58
CA LYS A 23 8.72 4.67 2.64
C LYS A 23 9.42 4.52 1.25
N THR A 24 8.70 4.22 0.15
CA THR A 24 9.20 4.46 -1.24
C THR A 24 9.44 5.98 -1.53
N LEU A 25 8.47 6.88 -1.26
CA LEU A 25 8.70 8.34 -1.17
C LEU A 25 9.81 8.75 -0.16
N ARG A 26 9.89 8.22 1.08
CA ARG A 26 11.05 8.47 1.98
C ARG A 26 12.32 7.56 1.73
N ALA A 27 12.42 6.98 0.53
CA ALA A 27 13.66 6.59 -0.14
C ALA A 27 13.96 7.37 -1.48
N GLU A 28 12.96 7.80 -2.27
CA GLU A 28 13.12 8.85 -3.32
C GLU A 28 13.60 10.23 -2.75
N GLN A 29 13.04 10.68 -1.61
CA GLN A 29 13.58 11.81 -0.81
C GLN A 29 15.04 11.57 -0.26
N ALA A 30 15.36 10.36 0.24
CA ALA A 30 16.73 10.03 0.70
C ALA A 30 17.83 9.89 -0.43
N SER A 31 17.46 9.52 -1.68
CA SER A 31 18.42 9.16 -2.75
C SER A 31 19.19 10.39 -3.34
N CYS A 1 -18.43 -20.56 -10.39
CA CYS A 1 -18.22 -19.10 -10.55
C CYS A 1 -18.48 -18.65 -12.02
N SER A 2 -19.25 -17.56 -12.21
CA SER A 2 -19.60 -17.04 -13.56
C SER A 2 -18.90 -15.68 -13.88
N ILE A 3 -19.23 -15.10 -15.04
CA ILE A 3 -18.76 -13.73 -15.44
C ILE A 3 -19.38 -12.56 -14.57
N LEU A 4 -20.63 -12.64 -14.09
CA LEU A 4 -21.23 -11.60 -13.18
C LEU A 4 -20.91 -11.81 -11.64
N ASP A 5 -19.68 -12.22 -11.34
CA ASP A 5 -19.17 -12.46 -9.95
C ASP A 5 -17.87 -11.64 -9.59
N ILE A 6 -17.09 -11.11 -10.56
CA ILE A 6 -15.70 -10.63 -10.32
C ILE A 6 -15.77 -9.12 -9.90
N ARG A 7 -15.95 -8.94 -8.60
CA ARG A 7 -16.02 -7.61 -7.94
C ARG A 7 -14.70 -7.27 -7.14
N GLN A 8 -13.51 -7.55 -7.73
CA GLN A 8 -12.22 -7.54 -7.01
C GLN A 8 -11.45 -6.17 -7.09
N GLY A 9 -12.04 -5.10 -6.53
CA GLY A 9 -11.31 -3.84 -6.24
C GLY A 9 -10.56 -3.84 -4.86
N PRO A 10 -9.50 -2.99 -4.61
CA PRO A 10 -8.72 -3.07 -3.36
C PRO A 10 -9.48 -2.58 -2.08
N LYS A 11 -9.37 -3.39 -1.04
CA LYS A 11 -10.25 -3.32 0.17
C LYS A 11 -9.39 -3.52 1.46
N GLU A 12 -8.80 -4.71 1.68
CA GLU A 12 -7.83 -4.95 2.79
C GLU A 12 -6.35 -4.44 2.49
N PRO A 13 -5.66 -4.60 1.31
CA PRO A 13 -4.23 -4.17 1.13
C PRO A 13 -3.85 -2.68 1.33
N PHE A 14 -4.77 -1.73 1.06
CA PHE A 14 -4.41 -0.30 0.78
C PHE A 14 -3.69 0.52 1.92
N ARG A 15 -3.59 0.03 3.16
CA ARG A 15 -2.81 0.63 4.26
C ARG A 15 -1.54 -0.18 4.73
N ASP A 16 -1.25 -1.40 4.24
CA ASP A 16 0.14 -1.83 3.95
C ASP A 16 0.73 -1.26 2.61
N TYR A 17 -0.08 -0.86 1.63
CA TYR A 17 0.38 -0.13 0.43
C TYR A 17 0.76 1.34 0.81
N VAL A 18 -0.10 2.13 1.48
CA VAL A 18 0.29 3.50 1.99
C VAL A 18 1.66 3.63 2.70
N ASP A 19 1.95 2.73 3.64
CA ASP A 19 3.14 2.89 4.52
C ASP A 19 4.51 2.65 3.79
N ARG A 20 4.42 1.65 2.92
CA ARG A 20 5.32 1.21 1.86
C ARG A 20 5.47 2.18 0.64
N PHE A 21 4.37 2.80 0.17
CA PHE A 21 4.39 4.01 -0.68
C PHE A 21 5.06 5.25 0.00
N TYR A 22 4.77 5.49 1.30
CA TYR A 22 5.46 6.55 2.10
C TYR A 22 6.97 6.30 2.41
N LYS A 23 7.42 5.06 2.65
CA LYS A 23 8.86 4.71 2.64
C LYS A 23 9.49 4.55 1.21
N THR A 24 8.72 4.24 0.16
CA THR A 24 9.15 4.45 -1.26
C THR A 24 9.33 5.97 -1.62
N LEU A 25 8.38 6.86 -1.28
CA LEU A 25 8.59 8.32 -1.22
C LEU A 25 9.75 8.77 -0.28
N ARG A 26 9.93 8.22 0.94
CA ARG A 26 11.18 8.44 1.71
C ARG A 26 12.35 7.44 1.36
N ALA A 27 12.35 6.95 0.11
CA ALA A 27 13.54 6.75 -0.72
C ALA A 27 13.63 7.69 -1.98
N GLU A 28 12.55 8.24 -2.57
CA GLU A 28 12.62 9.36 -3.55
C GLU A 28 13.17 10.68 -2.89
N GLN A 29 12.67 11.05 -1.70
CA GLN A 29 13.32 12.03 -0.79
C GLN A 29 14.71 11.55 -0.26
N ALA A 30 14.83 10.29 0.24
CA ALA A 30 16.07 9.67 0.82
C ALA A 30 16.54 10.33 2.17
N SER A 31 16.94 11.60 2.21
CA SER A 31 17.29 12.33 3.47
C SER A 31 17.26 13.86 3.19
N CYS A 1 -21.39 -0.42 6.98
CA CYS A 1 -22.16 -0.36 8.23
C CYS A 1 -21.20 0.07 9.38
N SER A 2 -20.80 -0.78 10.36
CA SER A 2 -19.89 -0.37 11.46
C SER A 2 -19.39 -1.66 12.18
N ILE A 3 -19.89 -1.99 13.39
CA ILE A 3 -19.47 -3.13 14.30
C ILE A 3 -17.93 -3.51 14.33
N LEU A 4 -17.06 -2.48 14.25
CA LEU A 4 -15.58 -2.59 13.98
C LEU A 4 -15.14 -3.70 12.94
N ASP A 5 -15.89 -3.79 11.82
CA ASP A 5 -15.83 -4.95 10.90
C ASP A 5 -16.43 -4.60 9.52
N ILE A 6 -17.73 -4.19 9.47
CA ILE A 6 -18.50 -4.17 8.19
C ILE A 6 -18.31 -2.76 7.54
N ARG A 7 -17.15 -2.64 6.90
CA ARG A 7 -16.65 -1.38 6.29
C ARG A 7 -17.19 -1.11 4.84
N GLN A 8 -17.52 -2.15 4.04
CA GLN A 8 -18.04 -2.05 2.64
C GLN A 8 -17.00 -1.31 1.70
N GLY A 9 -16.00 -2.07 1.26
CA GLY A 9 -14.79 -1.52 0.57
C GLY A 9 -13.44 -1.87 1.26
N PRO A 10 -12.25 -1.35 0.80
CA PRO A 10 -10.94 -1.75 1.37
C PRO A 10 -10.69 -1.30 2.86
N LYS A 11 -10.07 -2.21 3.63
CA LYS A 11 -9.72 -1.97 5.06
C LYS A 11 -8.25 -2.43 5.38
N GLU A 12 -7.87 -3.69 5.08
CA GLU A 12 -6.51 -4.23 5.38
C GLU A 12 -5.46 -4.00 4.22
N PRO A 13 -5.66 -4.22 2.88
CA PRO A 13 -4.61 -3.96 1.84
C PRO A 13 -4.04 -2.51 1.78
N PHE A 14 -4.93 -1.49 1.78
CA PHE A 14 -4.54 -0.12 1.37
C PHE A 14 -3.70 0.69 2.43
N ARG A 15 -3.49 0.19 3.67
CA ARG A 15 -2.48 0.71 4.62
C ARG A 15 -1.13 -0.10 4.67
N ASP A 16 -1.05 -1.36 4.21
CA ASP A 16 0.23 -1.95 3.70
C ASP A 16 0.61 -1.57 2.22
N TYR A 17 -0.22 -0.79 1.52
CA TYR A 17 0.17 -0.01 0.34
C TYR A 17 0.64 1.39 0.82
N VAL A 18 -0.14 2.16 1.61
CA VAL A 18 0.29 3.54 2.04
C VAL A 18 1.68 3.67 2.70
N ASP A 19 1.97 2.81 3.68
CA ASP A 19 3.19 2.98 4.50
C ASP A 19 4.51 2.57 3.71
N ARG A 20 4.31 1.59 2.84
CA ARG A 20 5.19 1.15 1.75
C ARG A 20 5.39 2.17 0.58
N PHE A 21 4.32 2.79 0.06
CA PHE A 21 4.39 4.00 -0.80
C PHE A 21 5.07 5.23 -0.12
N TYR A 22 4.74 5.51 1.15
CA TYR A 22 5.39 6.58 1.96
C TYR A 22 6.88 6.33 2.34
N LYS A 23 7.32 5.11 2.65
CA LYS A 23 8.76 4.76 2.74
C LYS A 23 9.48 4.50 1.38
N THR A 24 8.77 4.16 0.28
CA THR A 24 9.29 4.31 -1.11
C THR A 24 9.54 5.80 -1.51
N LEU A 25 8.57 6.70 -1.30
CA LEU A 25 8.76 8.16 -1.41
C LEU A 25 9.68 8.77 -0.31
N ARG A 26 9.79 8.27 0.94
CA ARG A 26 10.94 8.61 1.82
C ARG A 26 12.15 7.61 1.71
N ALA A 27 12.30 6.98 0.53
CA ALA A 27 13.58 6.79 -0.15
C ALA A 27 13.82 7.75 -1.37
N GLU A 28 12.83 8.26 -2.15
CA GLU A 28 13.08 9.32 -3.16
C GLU A 28 13.34 10.74 -2.50
N GLN A 29 12.68 11.10 -1.38
CA GLN A 29 13.15 12.14 -0.44
C GLN A 29 14.39 11.74 0.46
N ALA A 30 14.53 10.46 0.88
CA ALA A 30 15.28 10.01 2.09
C ALA A 30 14.61 10.51 3.43
N SER A 31 14.62 11.83 3.72
CA SER A 31 13.82 12.42 4.84
C SER A 31 12.58 13.19 4.29
#